data_8ZBF
#
_entry.id   8ZBF
#
_cell.length_a   70.970
_cell.length_b   92.480
_cell.length_c   77.920
_cell.angle_alpha   90.00
_cell.angle_beta   90.54
_cell.angle_gamma   90.00
#
_symmetry.space_group_name_H-M   'P 1 21 1'
#
loop_
_entity.id
_entity.type
_entity.pdbx_description
1 polymer Nucleoprotein
2 polymer 'DNA (40-MER)'
3 non-polymer 'SODIUM ION'
#
loop_
_entity_poly.entity_id
_entity_poly.type
_entity_poly.pdbx_seq_one_letter_code
_entity_poly.pdbx_strand_id
1 'polypeptide(L)'
;SRPQGLPNNTASWFTALTQHGKEDLKFPRGQGVPINTNSSPDDQIGYYRRATRRIRGGDGKMKDLSPRWYFYYLGTGPEA
GLPYGANKDGIIWVATEGALNTPKDHIGTRNPANNAAIVLQLPQGTTLPKGFYAE
;
A,B,C,D
2 'polydeoxyribonucleotide'
;(DG)(DG)(DA)(DT)(DG)(DT)(DC)(DA)(DC)(DC)(DG)(DG)(DA)(DT)(DT)(DG)(DT)(DC)(DG)(DA)
(DA)(DA)(DG)(DA)(DG)(DT)(DC)(DA)(DT)(DA)(DT)(DG)(DA)(DC)(DA)(DC)(DA)(DT)(DC)(DC)
;
E,F,G,H
#
# COMPACT_ATOMS: atom_id res chain seq x y z
N ASN A 9 -37.01 18.73 -15.17
CA ASN A 9 -37.28 18.85 -13.74
C ASN A 9 -38.72 19.29 -13.46
N THR A 10 -39.26 20.16 -14.32
CA THR A 10 -40.64 20.63 -14.19
C THR A 10 -41.39 20.14 -15.42
N ALA A 11 -42.45 19.37 -15.20
CA ALA A 11 -43.26 18.90 -16.30
C ALA A 11 -44.72 18.91 -15.88
N SER A 12 -45.58 18.58 -16.82
CA SER A 12 -47.00 18.53 -16.55
C SER A 12 -47.33 17.26 -15.78
N TRP A 13 -48.34 17.36 -14.92
CA TRP A 13 -48.81 16.19 -14.21
C TRP A 13 -49.46 15.17 -15.14
N PHE A 14 -49.75 15.52 -16.37
CA PHE A 14 -50.58 14.67 -17.21
C PHE A 14 -49.87 14.40 -18.53
N THR A 15 -50.41 13.45 -19.27
CA THR A 15 -49.95 13.21 -20.62
C THR A 15 -50.52 14.35 -21.47
N ALA A 16 -50.21 14.37 -22.76
CA ALA A 16 -50.64 15.46 -23.62
C ALA A 16 -51.80 15.04 -24.49
N LEU A 17 -52.64 16.01 -24.86
CA LEU A 17 -53.65 15.78 -25.88
C LEU A 17 -52.97 16.05 -27.20
N THR A 18 -53.02 15.07 -28.11
CA THR A 18 -52.36 15.21 -29.39
C THR A 18 -53.33 15.81 -30.40
N GLN A 19 -52.86 16.82 -31.14
CA GLN A 19 -53.64 17.49 -32.17
C GLN A 19 -53.34 16.83 -33.51
N HIS A 20 -54.16 15.85 -33.87
CA HIS A 20 -54.00 15.21 -35.18
C HIS A 20 -54.61 16.06 -36.30
N GLY A 21 -55.60 16.89 -35.98
CA GLY A 21 -56.28 17.70 -36.96
C GLY A 21 -55.62 19.06 -37.13
N LYS A 22 -56.37 19.98 -37.75
CA LYS A 22 -55.83 21.31 -38.01
C LYS A 22 -56.28 22.36 -37.01
N GLU A 23 -57.46 22.23 -36.38
CA GLU A 23 -57.89 23.25 -35.41
C GLU A 23 -57.24 23.04 -34.05
N ASP A 24 -56.93 24.17 -33.39
CA ASP A 24 -56.32 24.21 -32.07
C ASP A 24 -57.26 23.62 -31.02
N LEU A 25 -56.74 23.46 -29.81
CA LEU A 25 -57.53 22.89 -28.72
C LEU A 25 -58.46 23.95 -28.14
N LYS A 26 -59.68 23.53 -27.81
CA LYS A 26 -60.73 24.43 -27.38
C LYS A 26 -61.71 23.64 -26.52
N PHE A 27 -62.26 24.29 -25.51
CA PHE A 27 -63.23 23.63 -24.63
C PHE A 27 -64.39 24.55 -24.34
N PRO A 28 -65.61 24.02 -24.25
CA PRO A 28 -66.72 24.83 -23.73
C PRO A 28 -66.43 25.25 -22.30
N ARG A 29 -67.13 26.29 -21.87
CA ARG A 29 -66.90 26.83 -20.54
C ARG A 29 -67.30 25.78 -19.50
N GLY A 30 -66.37 25.42 -18.64
CA GLY A 30 -66.61 24.42 -17.62
C GLY A 30 -66.19 23.01 -17.97
N GLN A 31 -65.47 22.83 -19.08
CA GLN A 31 -65.01 21.52 -19.54
C GLN A 31 -63.49 21.57 -19.75
N GLY A 32 -62.87 20.41 -19.79
CA GLY A 32 -61.49 20.32 -20.26
C GLY A 32 -60.44 20.17 -19.19
N VAL A 33 -60.79 20.27 -17.91
CA VAL A 33 -59.81 20.06 -16.84
C VAL A 33 -59.57 18.57 -16.69
N PRO A 34 -58.33 18.10 -16.77
CA PRO A 34 -58.09 16.65 -16.68
C PRO A 34 -58.48 16.08 -15.31
N ILE A 35 -58.96 14.84 -15.32
CA ILE A 35 -59.33 14.17 -14.08
C ILE A 35 -58.09 13.93 -13.23
N ASN A 36 -58.17 14.29 -11.95
CA ASN A 36 -57.08 14.09 -11.00
C ASN A 36 -57.72 13.88 -9.62
N THR A 37 -57.75 12.62 -9.16
CA THR A 37 -58.43 12.30 -7.91
C THR A 37 -57.74 12.91 -6.68
N ASN A 38 -56.51 13.41 -6.81
CA ASN A 38 -55.89 14.08 -5.68
C ASN A 38 -56.32 15.53 -5.54
N SER A 39 -57.02 16.07 -6.53
CA SER A 39 -57.41 17.46 -6.51
C SER A 39 -58.82 17.62 -5.97
N SER A 40 -59.12 18.85 -5.54
CA SER A 40 -60.39 19.30 -5.01
C SER A 40 -61.09 20.20 -6.04
N PRO A 41 -62.40 20.45 -5.88
CA PRO A 41 -63.10 21.34 -6.84
C PRO A 41 -62.51 22.73 -6.96
N ASP A 42 -61.92 23.28 -5.89
CA ASP A 42 -61.30 24.61 -5.98
C ASP A 42 -60.09 24.61 -6.90
N ASP A 43 -59.41 23.48 -7.07
CA ASP A 43 -58.17 23.42 -7.83
C ASP A 43 -58.38 23.24 -9.33
N GLN A 44 -59.62 22.97 -9.76
CA GLN A 44 -59.87 22.51 -11.12
C GLN A 44 -59.89 23.71 -12.07
N ILE A 45 -58.71 24.26 -12.31
CA ILE A 45 -58.59 25.45 -13.15
C ILE A 45 -57.15 25.54 -13.64
N GLY A 46 -56.98 25.88 -14.92
CA GLY A 46 -55.64 26.02 -15.47
C GLY A 46 -55.66 26.28 -16.96
N TYR A 47 -54.59 25.83 -17.63
CA TYR A 47 -54.44 26.08 -19.05
C TYR A 47 -53.76 24.91 -19.74
N TYR A 48 -54.05 24.78 -21.03
CA TYR A 48 -53.26 23.95 -21.93
C TYR A 48 -52.28 24.84 -22.69
N ARG A 49 -51.06 24.33 -22.83
CA ARG A 49 -50.00 24.98 -23.59
C ARG A 49 -49.56 24.06 -24.71
N ARG A 50 -49.36 24.65 -25.89
CA ARG A 50 -48.99 23.89 -27.08
C ARG A 50 -47.48 23.74 -27.13
N ALA A 51 -47.04 22.56 -27.61
CA ALA A 51 -45.63 22.24 -27.78
C ALA A 51 -45.50 21.43 -29.05
N THR A 52 -44.65 21.88 -29.95
CA THR A 52 -44.35 21.16 -31.18
C THR A 52 -42.85 20.85 -31.22
N ARG A 53 -42.49 19.82 -31.99
CA ARG A 53 -41.10 19.46 -32.15
C ARG A 53 -40.94 18.90 -33.54
N ARG A 54 -39.78 19.15 -34.16
CA ARG A 54 -39.49 18.62 -35.47
C ARG A 54 -38.23 17.76 -35.41
N ILE A 55 -38.38 16.52 -35.84
CA ILE A 55 -37.32 15.53 -35.81
C ILE A 55 -36.82 15.26 -37.23
N ARG A 56 -35.60 14.74 -37.34
CA ARG A 56 -35.10 14.24 -38.60
C ARG A 56 -35.43 12.75 -38.67
N GLY A 57 -36.32 12.38 -39.60
CA GLY A 57 -36.68 11.00 -39.78
C GLY A 57 -35.64 10.21 -40.57
N GLY A 58 -35.95 8.93 -40.77
CA GLY A 58 -35.09 8.10 -41.60
C GLY A 58 -34.92 8.64 -43.00
N ASP A 59 -35.94 9.36 -43.48
CA ASP A 59 -35.83 10.07 -44.76
C ASP A 59 -34.63 11.01 -44.79
N GLY A 60 -34.17 11.46 -43.62
CA GLY A 60 -33.23 12.53 -43.53
C GLY A 60 -33.83 13.91 -43.59
N LYS A 61 -35.06 14.04 -44.10
CA LYS A 61 -35.75 15.31 -44.14
C LYS A 61 -36.33 15.64 -42.77
N MET A 62 -36.29 16.91 -42.41
CA MET A 62 -36.83 17.32 -41.13
C MET A 62 -38.35 17.30 -41.23
N LYS A 63 -39.02 17.01 -40.12
CA LYS A 63 -40.45 16.77 -40.18
C LYS A 63 -41.08 17.23 -38.87
N ASP A 64 -42.19 17.94 -39.00
CA ASP A 64 -42.94 18.41 -37.85
C ASP A 64 -43.85 17.29 -37.35
N LEU A 65 -44.05 17.24 -36.04
CA LEU A 65 -44.90 16.23 -35.44
C LEU A 65 -46.19 16.87 -34.97
N SER A 66 -47.24 16.04 -34.86
CA SER A 66 -48.51 16.52 -34.37
C SER A 66 -48.28 17.28 -33.07
N PRO A 67 -48.82 18.49 -32.92
CA PRO A 67 -48.61 19.24 -31.68
C PRO A 67 -49.17 18.50 -30.48
N ARG A 68 -48.60 18.78 -29.32
CA ARG A 68 -49.05 18.24 -28.04
C ARG A 68 -49.48 19.38 -27.14
N TRP A 69 -50.66 19.25 -26.56
CA TRP A 69 -51.19 20.23 -25.62
C TRP A 69 -51.05 19.64 -24.22
N TYR A 70 -50.27 20.31 -23.37
CA TYR A 70 -50.03 19.85 -22.01
C TYR A 70 -50.80 20.74 -21.04
N PHE A 71 -51.43 20.11 -20.04
CA PHE A 71 -52.20 20.85 -19.05
C PHE A 71 -51.34 21.21 -17.85
N TYR A 72 -51.56 22.42 -17.35
CA TYR A 72 -50.89 22.94 -16.16
C TYR A 72 -51.92 23.68 -15.32
N TYR A 73 -51.96 23.37 -14.03
CA TYR A 73 -52.84 24.06 -13.10
C TYR A 73 -52.49 25.54 -13.02
N LEU A 74 -53.49 26.36 -12.70
CA LEU A 74 -53.32 27.81 -12.67
C LEU A 74 -52.21 28.19 -11.70
N GLY A 75 -51.29 29.04 -12.18
CA GLY A 75 -50.20 29.49 -11.35
C GLY A 75 -48.98 28.59 -11.35
N THR A 76 -48.98 27.54 -12.17
CA THR A 76 -47.85 26.62 -12.30
C THR A 76 -47.45 26.54 -13.75
N GLY A 77 -46.24 26.01 -13.99
CA GLY A 77 -45.79 25.69 -15.31
C GLY A 77 -45.18 26.87 -16.06
N PRO A 78 -44.94 26.70 -17.36
CA PRO A 78 -44.30 27.76 -18.15
C PRO A 78 -45.02 29.09 -18.12
N GLU A 79 -46.30 29.11 -17.79
CA GLU A 79 -47.08 30.35 -17.73
C GLU A 79 -47.67 30.54 -16.35
N ALA A 80 -46.88 30.19 -15.32
CA ALA A 80 -47.30 30.43 -13.95
C ALA A 80 -47.54 31.91 -13.68
N GLY A 81 -46.93 32.80 -14.46
CA GLY A 81 -47.12 34.23 -14.28
C GLY A 81 -48.44 34.76 -14.80
N LEU A 82 -49.08 34.03 -15.70
CA LEU A 82 -50.29 34.54 -16.34
C LEU A 82 -51.50 34.39 -15.42
N PRO A 83 -52.43 35.34 -15.48
CA PRO A 83 -53.73 35.16 -14.82
C PRO A 83 -54.71 34.49 -15.77
N TYR A 84 -55.73 33.88 -15.17
CA TYR A 84 -56.73 33.18 -15.96
C TYR A 84 -57.29 34.10 -17.03
N GLY A 85 -57.32 33.61 -18.28
CA GLY A 85 -57.90 34.33 -19.40
C GLY A 85 -56.90 35.04 -20.30
N ALA A 86 -55.70 35.35 -19.80
CA ALA A 86 -54.67 36.05 -20.56
C ALA A 86 -54.56 35.51 -21.98
N ASN A 87 -54.57 36.42 -22.95
CA ASN A 87 -54.57 36.03 -24.36
C ASN A 87 -53.13 35.86 -24.83
N LYS A 88 -52.80 34.64 -25.24
CA LYS A 88 -51.48 34.30 -25.78
C LYS A 88 -51.66 33.13 -26.72
N ASP A 89 -50.97 33.17 -27.87
CA ASP A 89 -51.03 32.05 -28.79
C ASP A 89 -50.47 30.79 -28.16
N GLY A 90 -51.15 29.67 -28.41
CA GLY A 90 -50.78 28.41 -27.83
C GLY A 90 -51.33 28.18 -26.45
N ILE A 91 -51.85 29.21 -25.78
CA ILE A 91 -52.36 29.08 -24.43
C ILE A 91 -53.89 29.13 -24.51
N ILE A 92 -54.55 28.10 -23.98
CA ILE A 92 -55.99 28.15 -23.83
C ILE A 92 -56.33 27.84 -22.38
N TRP A 93 -57.43 28.39 -21.90
CA TRP A 93 -57.78 28.33 -20.50
C TRP A 93 -59.01 27.46 -20.28
N VAL A 94 -59.03 26.74 -19.15
CA VAL A 94 -60.14 25.89 -18.76
C VAL A 94 -60.34 26.03 -17.26
N ALA A 95 -61.58 25.83 -16.83
CA ALA A 95 -61.94 25.89 -15.42
C ALA A 95 -63.26 25.16 -15.21
N THR A 96 -63.39 24.54 -14.05
CA THR A 96 -64.62 23.87 -13.64
C THR A 96 -65.50 24.85 -12.89
N GLU A 97 -66.79 24.52 -12.83
CA GLU A 97 -67.86 25.39 -12.38
C GLU A 97 -67.55 26.22 -11.13
N GLY A 98 -66.96 25.61 -10.10
CA GLY A 98 -66.81 26.33 -8.85
C GLY A 98 -65.39 26.35 -8.36
N ALA A 99 -64.46 26.52 -9.29
CA ALA A 99 -63.04 26.59 -9.01
C ALA A 99 -62.67 28.01 -8.58
N LEU A 100 -61.57 28.09 -7.83
CA LEU A 100 -61.07 29.33 -7.26
C LEU A 100 -59.93 29.89 -8.10
N ASN A 101 -59.94 31.21 -8.32
CA ASN A 101 -58.93 31.87 -9.15
C ASN A 101 -57.73 32.26 -8.28
N THR A 102 -56.97 31.23 -7.91
CA THR A 102 -55.79 31.36 -7.06
C THR A 102 -54.67 30.50 -7.60
N PRO A 103 -53.41 30.89 -7.37
CA PRO A 103 -52.29 30.01 -7.74
C PRO A 103 -52.34 28.69 -6.99
N LYS A 104 -52.03 27.61 -7.70
CA LYS A 104 -52.12 26.27 -7.14
C LYS A 104 -50.73 25.74 -6.77
N ASP A 105 -50.05 26.49 -5.90
CA ASP A 105 -48.69 26.11 -5.53
C ASP A 105 -48.65 24.82 -4.70
N HIS A 106 -49.75 24.46 -4.03
CA HIS A 106 -49.81 23.20 -3.30
C HIS A 106 -49.90 22.01 -4.23
N ILE A 107 -50.08 22.22 -5.52
CA ILE A 107 -50.05 21.15 -6.50
C ILE A 107 -48.75 21.16 -7.28
N GLY A 108 -48.36 22.33 -7.79
CA GLY A 108 -47.13 22.53 -8.49
C GLY A 108 -47.11 21.70 -9.75
N THR A 109 -45.90 21.38 -10.20
CA THR A 109 -45.68 20.60 -11.39
C THR A 109 -45.06 19.26 -10.99
N ARG A 110 -44.66 18.48 -11.98
CA ARG A 110 -44.20 17.13 -11.76
C ARG A 110 -42.71 17.03 -12.08
N ASN A 111 -42.00 16.22 -11.29
CA ASN A 111 -40.64 15.82 -11.59
C ASN A 111 -40.69 14.43 -12.20
N PRO A 112 -40.38 14.26 -13.49
CA PRO A 112 -40.46 12.92 -14.08
C PRO A 112 -39.57 11.90 -13.38
N ALA A 113 -38.50 12.36 -12.69
CA ALA A 113 -37.63 11.45 -11.96
C ALA A 113 -38.37 10.75 -10.81
N ASN A 114 -39.27 11.46 -10.15
CA ASN A 114 -39.96 10.92 -8.98
C ASN A 114 -41.37 10.44 -9.26
N ASN A 115 -41.97 10.81 -10.40
CA ASN A 115 -43.40 10.61 -10.61
C ASN A 115 -43.70 10.43 -12.09
N ALA A 116 -44.44 9.38 -12.43
CA ALA A 116 -44.91 9.20 -13.79
C ALA A 116 -46.14 10.07 -14.07
N ALA A 117 -46.32 10.42 -15.34
CA ALA A 117 -47.47 11.22 -15.73
C ALA A 117 -48.74 10.40 -15.63
N ILE A 118 -49.80 11.06 -15.16
CA ILE A 118 -51.16 10.52 -15.24
C ILE A 118 -51.65 10.57 -16.67
N VAL A 119 -52.18 9.44 -17.15
CA VAL A 119 -52.81 9.42 -18.47
C VAL A 119 -53.99 10.38 -18.46
N LEU A 120 -54.00 11.33 -19.40
CA LEU A 120 -55.01 12.39 -19.37
C LEU A 120 -56.37 11.83 -19.75
N GLN A 121 -57.32 11.89 -18.81
CA GLN A 121 -58.71 11.52 -19.07
C GLN A 121 -59.64 12.67 -18.72
N LEU A 122 -60.79 12.68 -19.38
CA LEU A 122 -61.78 13.70 -19.13
C LEU A 122 -63.10 13.05 -18.77
N PRO A 123 -63.97 13.73 -18.03
CA PRO A 123 -65.28 13.15 -17.73
C PRO A 123 -66.03 12.84 -19.00
N GLN A 124 -66.68 11.68 -19.01
CA GLN A 124 -67.38 11.20 -20.19
C GLN A 124 -68.50 12.15 -20.54
N GLY A 125 -68.51 12.64 -21.78
CA GLY A 125 -69.40 13.71 -22.20
C GLY A 125 -68.67 14.96 -22.63
N THR A 126 -67.50 15.21 -22.05
CA THR A 126 -66.67 16.35 -22.42
C THR A 126 -66.57 16.46 -23.94
N THR A 127 -66.77 17.67 -24.45
CA THR A 127 -66.75 17.89 -25.88
C THR A 127 -65.35 18.24 -26.32
N LEU A 128 -64.84 17.49 -27.28
CA LEU A 128 -63.53 17.75 -27.82
C LEU A 128 -63.66 18.24 -29.25
N PRO A 129 -62.69 18.98 -29.77
CA PRO A 129 -62.62 19.14 -31.23
C PRO A 129 -62.28 17.80 -31.84
N LYS A 130 -62.33 17.74 -33.17
CA LYS A 130 -62.17 16.48 -33.87
C LYS A 130 -60.76 15.92 -33.75
N GLY A 131 -59.74 16.76 -33.97
CA GLY A 131 -58.39 16.24 -34.02
C GLY A 131 -57.89 15.72 -32.68
N PHE A 132 -58.78 15.70 -31.69
CA PHE A 132 -58.46 15.31 -30.32
C PHE A 132 -59.36 14.15 -29.91
N TYR A 133 -58.82 13.27 -29.05
CA TYR A 133 -59.51 12.06 -28.63
C TYR A 133 -59.26 11.81 -27.16
N ALA A 134 -60.29 11.32 -26.46
CA ALA A 134 -60.18 11.05 -25.03
C ALA A 134 -59.43 9.73 -24.79
N ASN B 9 19.05 3.01 -5.57
CA ASN B 9 19.29 2.55 -4.20
C ASN B 9 20.79 2.60 -3.88
N THR B 10 21.46 1.44 -3.96
CA THR B 10 22.89 1.34 -3.68
C THR B 10 23.53 0.40 -4.68
N ALA B 11 24.58 0.87 -5.35
CA ALA B 11 25.31 0.07 -6.31
C ALA B 11 26.80 0.13 -5.99
N SER B 12 27.57 -0.68 -6.70
CA SER B 12 29.00 -0.87 -6.45
C SER B 12 29.91 0.20 -7.06
N TRP B 13 29.38 1.18 -7.79
CA TRP B 13 30.15 2.21 -8.48
C TRP B 13 30.98 1.69 -9.65
N PHE B 14 31.27 0.38 -9.72
CA PHE B 14 32.28 -0.11 -10.66
C PHE B 14 31.83 -1.34 -11.44
N THR B 15 30.67 -1.28 -12.11
CA THR B 15 30.26 -2.36 -13.02
C THR B 15 30.44 -3.69 -12.28
N ALA B 16 30.98 -4.73 -12.91
CA ALA B 16 31.10 -6.05 -12.29
C ALA B 16 32.01 -6.90 -13.15
N LEU B 17 32.75 -7.80 -12.49
CA LEU B 17 33.54 -8.81 -13.17
C LEU B 17 32.70 -10.08 -13.31
N THR B 18 32.52 -10.55 -14.54
CA THR B 18 31.69 -11.71 -14.79
C THR B 18 32.52 -12.99 -14.74
N GLN B 19 32.04 -13.99 -14.01
CA GLN B 19 32.70 -15.29 -13.86
C GLN B 19 32.14 -16.24 -14.90
N HIS B 20 32.84 -16.32 -16.03
CA HIS B 20 32.40 -17.26 -17.06
C HIS B 20 32.80 -18.69 -16.71
N GLY B 21 33.85 -18.88 -15.93
CA GLY B 21 34.29 -20.19 -15.52
C GLY B 21 33.68 -20.61 -14.20
N LYS B 22 34.27 -21.63 -13.58
CA LYS B 22 33.80 -22.08 -12.29
C LYS B 22 34.67 -21.57 -11.14
N GLU B 23 35.92 -21.20 -11.43
CA GLU B 23 36.83 -20.73 -10.40
C GLU B 23 36.41 -19.35 -9.91
N ASP B 24 36.49 -19.15 -8.59
CA ASP B 24 36.16 -17.89 -7.96
C ASP B 24 37.19 -16.81 -8.30
N LEU B 25 36.87 -15.59 -7.89
CA LEU B 25 37.74 -14.45 -8.12
C LEU B 25 38.84 -14.40 -7.05
N LYS B 26 40.05 -14.04 -7.47
CA LYS B 26 41.28 -14.10 -6.68
C LYS B 26 42.26 -13.07 -7.20
N PHE B 27 43.02 -12.47 -6.27
CA PHE B 27 44.03 -11.50 -6.70
C PHE B 27 45.33 -11.64 -5.93
N PRO B 28 46.47 -11.45 -6.60
CA PRO B 28 47.73 -11.33 -5.88
C PRO B 28 47.67 -10.19 -4.88
N ARG B 29 48.67 -10.19 -4.00
CA ARG B 29 48.62 -9.50 -2.71
C ARG B 29 48.35 -7.99 -2.81
N GLY B 30 48.60 -7.38 -3.95
CA GLY B 30 48.43 -5.95 -4.08
C GLY B 30 47.55 -5.58 -5.25
N GLN B 31 46.79 -6.53 -5.78
CA GLN B 31 46.06 -6.31 -7.02
C GLN B 31 44.55 -6.41 -6.84
N GLY B 32 43.85 -5.86 -7.82
CA GLY B 32 42.41 -6.05 -7.93
C GLY B 32 41.57 -4.84 -7.58
N VAL B 33 42.14 -3.76 -7.10
CA VAL B 33 41.34 -2.57 -6.80
C VAL B 33 41.01 -1.84 -8.10
N PRO B 34 39.74 -1.58 -8.39
CA PRO B 34 39.39 -0.89 -9.65
C PRO B 34 39.96 0.51 -9.69
N ILE B 35 40.32 0.94 -10.89
CA ILE B 35 40.84 2.29 -11.10
C ILE B 35 39.73 3.30 -10.84
N ASN B 36 40.05 4.36 -10.11
CA ASN B 36 39.11 5.45 -9.86
C ASN B 36 39.92 6.72 -9.64
N THR B 37 39.93 7.59 -10.65
CA THR B 37 40.73 8.82 -10.57
C THR B 37 40.24 9.77 -9.49
N ASN B 38 39.04 9.55 -8.98
CA ASN B 38 38.48 10.41 -7.95
C ASN B 38 38.91 10.01 -6.55
N SER B 39 39.54 8.85 -6.40
CA SER B 39 39.98 8.32 -5.12
C SER B 39 41.46 8.61 -4.89
N SER B 40 41.86 8.49 -3.62
CA SER B 40 43.23 8.70 -3.16
C SER B 40 43.90 7.37 -2.80
N PRO B 41 45.23 7.35 -2.68
CA PRO B 41 45.91 6.11 -2.27
C PRO B 41 45.41 5.57 -0.95
N ASP B 42 44.92 6.43 -0.07
CA ASP B 42 44.40 5.98 1.21
C ASP B 42 43.14 5.14 1.03
N ASP B 43 42.39 5.37 -0.04
CA ASP B 43 41.11 4.73 -0.23
C ASP B 43 41.19 3.36 -0.91
N GLN B 44 42.35 2.95 -1.40
CA GLN B 44 42.41 1.80 -2.32
C GLN B 44 42.33 0.47 -1.56
N ILE B 45 41.14 0.19 -1.06
CA ILE B 45 40.96 -1.03 -0.28
C ILE B 45 39.46 -1.35 -0.27
N GLY B 46 39.13 -2.63 -0.42
CA GLY B 46 37.74 -3.02 -0.38
C GLY B 46 37.57 -4.50 -0.65
N TYR B 47 36.40 -4.84 -1.19
CA TYR B 47 36.06 -6.23 -1.39
C TYR B 47 35.21 -6.39 -2.64
N TYR B 48 35.30 -7.55 -3.25
CA TYR B 48 34.34 -7.99 -4.25
C TYR B 48 33.35 -8.93 -3.57
N ARG B 49 32.08 -8.75 -3.91
CA ARG B 49 31.01 -9.60 -3.42
C ARG B 49 30.33 -10.25 -4.63
N ARG B 50 30.01 -11.53 -4.50
CA ARG B 50 29.38 -12.29 -5.57
C ARG B 50 27.88 -12.11 -5.54
N ALA B 51 27.29 -12.05 -6.74
CA ALA B 51 25.85 -12.01 -6.94
C ALA B 51 25.57 -12.86 -8.17
N THR B 52 24.72 -13.86 -8.03
CA THR B 52 24.35 -14.73 -9.13
C THR B 52 22.85 -14.60 -9.41
N ARG B 53 22.43 -15.03 -10.59
CA ARG B 53 21.06 -14.81 -11.04
C ARG B 53 20.58 -16.01 -11.83
N ARG B 54 19.28 -16.29 -11.75
CA ARG B 54 18.67 -17.37 -12.50
C ARG B 54 17.55 -16.82 -13.38
N ILE B 55 17.63 -17.06 -14.69
CA ILE B 55 16.61 -16.60 -15.63
C ILE B 55 15.97 -17.81 -16.32
N LYS B 61 12.87 -23.30 -18.83
CA LYS B 61 13.17 -21.92 -19.16
C LYS B 61 14.18 -21.33 -18.19
N MET B 62 14.19 -21.84 -16.95
CA MET B 62 15.10 -21.32 -15.95
C MET B 62 16.52 -21.83 -16.18
N LYS B 63 17.48 -20.95 -15.90
CA LYS B 63 18.90 -21.17 -16.13
C LYS B 63 19.67 -20.28 -15.19
N ASP B 64 20.67 -20.82 -14.49
CA ASP B 64 21.52 -19.94 -13.71
C ASP B 64 22.53 -19.30 -14.65
N LEU B 65 22.87 -18.05 -14.35
CA LEU B 65 23.78 -17.26 -15.16
C LEU B 65 25.12 -17.08 -14.47
N SER B 66 26.11 -16.76 -15.29
CA SER B 66 27.45 -16.51 -14.80
C SER B 66 27.40 -15.49 -13.65
N PRO B 67 28.03 -15.79 -12.52
CA PRO B 67 28.02 -14.83 -11.39
C PRO B 67 28.70 -13.52 -11.76
N ARG B 68 28.31 -12.46 -11.06
CA ARG B 68 28.92 -11.15 -11.18
C ARG B 68 29.53 -10.75 -9.85
N TRP B 69 30.77 -10.30 -9.89
CA TRP B 69 31.48 -9.83 -8.71
C TRP B 69 31.50 -8.32 -8.75
N TYR B 70 30.90 -7.69 -7.74
CA TYR B 70 30.83 -6.25 -7.65
C TYR B 70 31.78 -5.75 -6.57
N PHE B 71 32.51 -4.68 -6.85
CA PHE B 71 33.46 -4.13 -5.90
C PHE B 71 32.83 -3.06 -5.04
N TYR B 72 33.19 -3.06 -3.77
CA TYR B 72 32.72 -2.09 -2.79
C TYR B 72 33.92 -1.67 -1.95
N TYR B 73 34.10 -0.37 -1.79
CA TYR B 73 35.15 0.13 -0.91
C TYR B 73 34.90 -0.33 0.53
N LEU B 74 35.98 -0.44 1.29
CA LEU B 74 35.89 -0.92 2.67
C LEU B 74 34.96 -0.05 3.49
N GLY B 75 34.03 -0.69 4.20
CA GLY B 75 33.09 0.03 5.04
C GLY B 75 31.83 0.49 4.34
N THR B 76 31.64 0.12 3.08
CA THR B 76 30.46 0.49 2.32
C THR B 76 29.81 -0.77 1.78
N GLY B 77 28.55 -0.64 1.36
CA GLY B 77 27.90 -1.70 0.65
C GLY B 77 27.29 -2.76 1.55
N PRO B 78 26.88 -3.87 0.93
CA PRO B 78 26.20 -4.93 1.70
C PRO B 78 27.01 -5.48 2.86
N GLU B 79 28.33 -5.32 2.86
CA GLU B 79 29.16 -5.83 3.94
C GLU B 79 29.95 -4.69 4.57
N ALA B 80 29.33 -3.52 4.66
CA ALA B 80 29.96 -2.38 5.31
C ALA B 80 30.35 -2.66 6.75
N GLY B 81 29.70 -3.63 7.41
CA GLY B 81 30.04 -3.95 8.78
C GLY B 81 31.31 -4.75 8.97
N LEU B 82 31.75 -5.46 7.93
CA LEU B 82 32.90 -6.34 8.09
C LEU B 82 34.21 -5.55 8.05
N PRO B 83 35.22 -6.02 8.80
CA PRO B 83 36.57 -5.48 8.64
C PRO B 83 37.33 -6.24 7.57
N TYR B 84 38.35 -5.58 7.04
CA TYR B 84 39.15 -6.23 6.00
C TYR B 84 39.63 -7.59 6.48
N GLY B 85 39.45 -8.60 5.63
CA GLY B 85 39.91 -9.93 5.91
C GLY B 85 38.86 -10.89 6.40
N ALA B 86 37.76 -10.37 6.96
CA ALA B 86 36.69 -11.23 7.46
C ALA B 86 36.33 -12.28 6.42
N ASN B 87 36.31 -13.54 6.86
CA ASN B 87 36.07 -14.67 5.96
C ASN B 87 34.58 -14.94 5.85
N LYS B 88 34.05 -14.81 4.63
CA LYS B 88 32.66 -15.11 4.32
C LYS B 88 32.59 -15.50 2.86
N ASP B 89 31.83 -16.57 2.57
CA ASP B 89 31.67 -17.01 1.18
C ASP B 89 31.00 -15.91 0.34
N GLY B 90 31.51 -15.74 -0.88
CA GLY B 90 31.10 -14.66 -1.75
C GLY B 90 31.89 -13.38 -1.56
N ILE B 91 32.63 -13.27 -0.46
CA ILE B 91 33.42 -12.08 -0.14
C ILE B 91 34.88 -12.40 -0.38
N ILE B 92 35.55 -11.58 -1.19
CA ILE B 92 37.01 -11.62 -1.30
C ILE B 92 37.51 -10.19 -1.14
N TRP B 93 38.71 -10.04 -0.56
CA TRP B 93 39.24 -8.74 -0.17
C TRP B 93 40.45 -8.37 -1.03
N VAL B 94 40.57 -7.08 -1.34
CA VAL B 94 41.67 -6.56 -2.13
C VAL B 94 42.12 -5.21 -1.56
N ALA B 95 43.40 -4.92 -1.74
CA ALA B 95 43.96 -3.67 -1.24
C ALA B 95 45.23 -3.32 -2.01
N THR B 96 45.42 -2.02 -2.26
CA THR B 96 46.68 -1.55 -2.81
C THR B 96 47.59 -1.23 -1.65
N GLU B 97 48.91 -1.35 -1.86
CA GLU B 97 49.87 -1.44 -0.77
C GLU B 97 49.65 -0.40 0.33
N GLY B 98 49.52 0.87 -0.03
CA GLY B 98 49.45 1.90 1.00
C GLY B 98 48.08 2.42 1.35
N ALA B 99 47.07 1.57 1.34
CA ALA B 99 45.72 1.98 1.72
C ALA B 99 45.52 1.85 3.22
N LEU B 100 44.64 2.67 3.77
CA LEU B 100 44.35 2.69 5.20
C LEU B 100 43.07 1.93 5.52
N ASN B 101 43.12 1.17 6.60
CA ASN B 101 42.01 0.30 7.04
C ASN B 101 41.02 1.13 7.86
N THR B 102 40.25 1.94 7.13
CA THR B 102 39.25 2.81 7.70
C THR B 102 37.99 2.72 6.85
N PRO B 103 36.82 2.93 7.43
CA PRO B 103 35.60 2.98 6.62
C PRO B 103 35.67 4.14 5.63
N LYS B 104 35.19 3.89 4.41
CA LYS B 104 35.27 4.88 3.33
C LYS B 104 33.91 5.56 3.14
N ASP B 105 33.43 6.18 4.22
CA ASP B 105 32.13 6.83 4.19
C ASP B 105 32.13 8.07 3.30
N HIS B 106 33.28 8.69 3.07
CA HIS B 106 33.33 9.83 2.16
C HIS B 106 33.19 9.42 0.71
N ILE B 107 33.20 8.12 0.42
CA ILE B 107 32.97 7.59 -0.92
C ILE B 107 31.59 6.94 -1.02
N GLY B 108 31.28 6.04 -0.10
CA GLY B 108 29.97 5.40 -0.04
C GLY B 108 29.68 4.55 -1.27
N THR B 109 28.39 4.45 -1.59
CA THR B 109 27.93 3.69 -2.74
C THR B 109 27.36 4.66 -3.77
N ARG B 110 26.80 4.10 -4.84
CA ARG B 110 26.32 4.87 -5.97
C ARG B 110 24.79 4.75 -6.05
N ASN B 111 24.14 5.83 -6.45
CA ASN B 111 22.72 5.76 -6.72
C ASN B 111 22.55 5.69 -8.23
N PRO B 112 22.12 4.56 -8.80
CA PRO B 112 22.05 4.44 -10.27
C PRO B 112 21.17 5.50 -10.91
N ALA B 113 20.21 6.06 -10.17
CA ALA B 113 19.38 7.12 -10.70
C ALA B 113 20.22 8.34 -11.05
N ASN B 114 21.23 8.64 -10.23
CA ASN B 114 22.00 9.85 -10.42
C ASN B 114 23.33 9.60 -11.12
N ASN B 115 23.77 8.35 -11.20
CA ASN B 115 25.15 8.08 -11.60
C ASN B 115 25.22 6.75 -12.33
N ALA B 116 25.86 6.76 -13.50
CA ALA B 116 26.17 5.51 -14.19
C ALA B 116 27.39 4.85 -13.58
N ALA B 117 27.47 3.54 -13.75
CA ALA B 117 28.60 2.78 -13.24
C ALA B 117 29.86 3.07 -14.05
N ILE B 118 30.99 3.18 -13.35
CA ILE B 118 32.28 3.24 -14.02
C ILE B 118 32.61 1.87 -14.58
N VAL B 119 32.95 1.80 -15.88
CA VAL B 119 33.40 0.52 -16.41
C VAL B 119 34.67 0.11 -15.69
N LEU B 120 34.63 -1.06 -15.03
CA LEU B 120 35.74 -1.52 -14.21
C LEU B 120 36.90 -1.96 -15.08
N GLN B 121 38.00 -1.25 -14.99
CA GLN B 121 39.26 -1.68 -15.57
C GLN B 121 40.34 -1.63 -14.49
N LEU B 122 41.38 -2.44 -14.68
CA LEU B 122 42.47 -2.56 -13.74
C LEU B 122 43.79 -2.17 -14.42
N PRO B 123 44.80 -1.78 -13.64
CA PRO B 123 46.09 -1.41 -14.26
C PRO B 123 46.62 -2.54 -15.12
N GLN B 124 47.17 -2.16 -16.27
CA GLN B 124 47.66 -3.12 -17.24
C GLN B 124 48.76 -3.97 -16.62
N GLY B 125 48.57 -5.29 -16.64
CA GLY B 125 49.43 -6.23 -15.94
C GLY B 125 48.72 -7.00 -14.87
N THR B 126 47.69 -6.42 -14.25
CA THR B 126 46.90 -7.09 -13.24
C THR B 126 46.55 -8.51 -13.70
N THR B 127 46.80 -9.48 -12.82
CA THR B 127 46.56 -10.89 -13.15
C THR B 127 45.16 -11.30 -12.74
N LEU B 128 44.41 -11.87 -13.66
CA LEU B 128 43.07 -12.35 -13.40
C LEU B 128 43.02 -13.88 -13.44
N PRO B 129 42.06 -14.49 -12.77
CA PRO B 129 41.81 -15.93 -12.97
C PRO B 129 41.38 -16.24 -14.39
N LYS B 130 41.19 -17.54 -14.70
CA LYS B 130 40.91 -17.96 -16.07
C LYS B 130 39.60 -17.35 -16.59
N GLY B 131 38.52 -17.49 -15.82
CA GLY B 131 37.20 -17.09 -16.27
C GLY B 131 36.91 -15.61 -16.34
N PHE B 132 37.87 -14.73 -16.05
CA PHE B 132 37.63 -13.29 -15.97
C PHE B 132 38.51 -12.55 -16.96
N TYR B 133 38.02 -11.39 -17.40
CA TYR B 133 38.67 -10.58 -18.42
C TYR B 133 38.60 -9.12 -18.04
N ALA B 134 39.68 -8.38 -18.33
CA ALA B 134 39.76 -6.95 -17.99
C ALA B 134 38.98 -6.08 -18.97
N ASN C 9 13.15 -32.72 28.79
CA ASN C 9 12.72 -33.71 27.79
C ASN C 9 12.64 -35.12 28.38
N THR C 10 13.74 -35.61 28.97
CA THR C 10 13.77 -36.93 29.58
C THR C 10 14.32 -36.82 30.99
N ALA C 11 13.52 -37.22 31.97
CA ALA C 11 13.91 -37.22 33.37
C ALA C 11 13.32 -38.44 34.07
N SER C 12 13.64 -38.59 35.35
CA SER C 12 13.14 -39.71 36.13
C SER C 12 11.66 -39.54 36.44
N TRP C 13 10.97 -40.66 36.64
CA TRP C 13 9.55 -40.61 36.96
C TRP C 13 9.29 -40.16 38.39
N PHE C 14 10.32 -40.09 39.22
CA PHE C 14 10.19 -39.94 40.67
C PHE C 14 11.09 -38.81 41.14
N THR C 15 10.60 -38.02 42.09
CA THR C 15 11.50 -37.19 42.90
C THR C 15 12.70 -37.98 43.41
N ALA C 16 13.70 -37.28 43.93
CA ALA C 16 14.97 -37.88 44.33
C ALA C 16 15.03 -38.08 45.83
N LEU C 17 15.82 -39.07 46.24
CA LEU C 17 16.16 -39.25 47.64
C LEU C 17 17.38 -38.40 47.92
N THR C 18 17.28 -37.51 48.91
CA THR C 18 18.35 -36.58 49.23
C THR C 18 19.27 -37.20 50.27
N GLN C 19 20.59 -37.12 50.03
CA GLN C 19 21.60 -37.68 50.94
C GLN C 19 22.08 -36.57 51.86
N HIS C 20 21.48 -36.48 53.05
CA HIS C 20 21.91 -35.47 54.01
C HIS C 20 23.17 -35.90 54.78
N GLY C 21 23.38 -37.20 54.94
CA GLY C 21 24.53 -37.72 55.66
C GLY C 21 25.73 -38.06 54.79
N LYS C 22 26.61 -38.89 55.34
CA LYS C 22 27.80 -39.37 54.64
C LYS C 22 27.62 -40.71 53.96
N GLU C 23 26.69 -41.54 54.43
CA GLU C 23 26.47 -42.83 53.82
C GLU C 23 25.79 -42.67 52.46
N ASP C 24 26.30 -43.42 51.49
CA ASP C 24 25.72 -43.49 50.16
C ASP C 24 24.35 -44.18 50.24
N LEU C 25 23.65 -44.24 49.12
CA LEU C 25 22.36 -44.90 49.12
C LEU C 25 22.54 -46.41 49.02
N LYS C 26 21.73 -47.16 49.77
CA LYS C 26 21.91 -48.60 49.81
C LYS C 26 20.61 -49.24 50.29
N PHE C 27 20.33 -50.43 49.76
CA PHE C 27 19.12 -51.16 50.16
C PHE C 27 19.40 -52.64 50.35
N PRO C 28 18.76 -53.27 51.34
CA PRO C 28 18.76 -54.74 51.42
C PRO C 28 18.09 -55.36 50.20
N ARG C 29 18.33 -56.65 50.00
CA ARG C 29 17.83 -57.34 48.83
C ARG C 29 16.30 -57.33 48.84
N GLY C 30 15.72 -56.95 47.71
CA GLY C 30 14.29 -56.85 47.59
C GLY C 30 13.69 -55.56 48.07
N GLN C 31 14.51 -54.56 48.39
CA GLN C 31 14.03 -53.26 48.84
C GLN C 31 14.57 -52.14 47.95
N GLY C 32 13.87 -51.01 47.97
CA GLY C 32 14.37 -49.80 47.36
C GLY C 32 13.70 -49.38 46.07
N VAL C 33 12.82 -50.21 45.52
CA VAL C 33 12.08 -49.83 44.31
C VAL C 33 10.98 -48.86 44.69
N PRO C 34 10.91 -47.68 44.09
CA PRO C 34 9.84 -46.73 44.42
C PRO C 34 8.47 -47.27 44.02
N ILE C 35 7.46 -46.91 44.80
CA ILE C 35 6.09 -47.33 44.54
C ILE C 35 5.56 -46.64 43.28
N ASN C 36 4.96 -47.43 42.39
CA ASN C 36 4.37 -46.90 41.16
C ASN C 36 3.19 -47.80 40.80
N THR C 37 1.98 -47.33 41.06
CA THR C 37 0.77 -48.13 40.88
C THR C 37 0.49 -48.45 39.42
N ASN C 38 1.17 -47.78 38.48
CA ASN C 38 1.01 -48.05 37.07
C ASN C 38 1.86 -49.22 36.59
N SER C 39 2.77 -49.71 37.41
CA SER C 39 3.68 -50.78 37.07
C SER C 39 3.19 -52.13 37.62
N SER C 40 3.75 -53.19 37.06
CA SER C 40 3.51 -54.57 37.47
C SER C 40 4.72 -55.13 38.20
N PRO C 41 4.57 -56.26 38.90
CA PRO C 41 5.72 -56.86 39.59
C PRO C 41 6.88 -57.18 38.66
N ASP C 42 6.63 -57.45 37.38
CA ASP C 42 7.71 -57.71 36.43
C ASP C 42 8.60 -56.49 36.24
N ASP C 43 8.07 -55.28 36.44
CA ASP C 43 8.75 -54.04 36.13
C ASP C 43 9.64 -53.53 37.25
N GLN C 44 9.54 -54.12 38.44
CA GLN C 44 10.10 -53.54 39.67
C GLN C 44 11.59 -53.85 39.78
N ILE C 45 12.37 -53.17 38.93
CA ILE C 45 13.82 -53.37 38.91
C ILE C 45 14.46 -52.17 38.24
N GLY C 46 15.56 -51.69 38.81
CA GLY C 46 16.26 -50.57 38.23
C GLY C 46 17.44 -50.11 39.06
N TYR C 47 17.77 -48.82 38.97
CA TYR C 47 18.95 -48.29 39.64
C TYR C 47 18.70 -46.86 40.11
N TYR C 48 19.40 -46.49 41.17
CA TYR C 48 19.54 -45.10 41.56
C TYR C 48 20.87 -44.56 41.04
N ARG C 49 20.82 -43.33 40.53
CA ARG C 49 21.96 -42.58 40.03
C ARG C 49 22.16 -41.31 40.83
N ARG C 50 23.41 -41.00 41.12
CA ARG C 50 23.77 -39.87 41.96
C ARG C 50 23.88 -38.62 41.09
N ALA C 51 23.45 -37.49 41.63
CA ALA C 51 23.55 -36.20 40.95
C ALA C 51 23.90 -35.16 42.00
N THR C 52 25.01 -34.47 41.78
CA THR C 52 25.38 -33.38 42.65
C THR C 52 25.50 -32.10 41.85
N ARG C 53 25.30 -30.99 42.53
CA ARG C 53 25.41 -29.68 41.90
C ARG C 53 25.90 -28.72 42.96
N ARG C 54 26.73 -27.78 42.52
CA ARG C 54 27.27 -26.70 43.34
C ARG C 54 26.82 -25.43 42.63
N ILE C 55 26.10 -24.55 43.35
CA ILE C 55 25.39 -23.44 42.70
C ILE C 55 26.30 -22.25 42.70
N LYS C 61 30.10 -16.95 47.41
CA LYS C 61 31.07 -18.04 47.51
C LYS C 61 30.46 -19.42 47.14
N MET C 62 31.01 -20.02 46.07
CA MET C 62 30.55 -21.31 45.55
C MET C 62 30.20 -22.32 46.63
N LYS C 63 29.25 -23.21 46.32
CA LYS C 63 28.38 -23.75 47.37
C LYS C 63 27.77 -25.11 46.97
N ASP C 64 28.31 -26.22 47.52
CA ASP C 64 27.84 -27.60 47.20
C ASP C 64 26.57 -27.98 47.95
N LEU C 65 25.72 -28.76 47.27
CA LEU C 65 24.42 -29.21 47.76
C LEU C 65 24.39 -30.71 48.02
N SER C 66 23.50 -31.12 48.95
CA SER C 66 23.32 -32.54 49.27
C SER C 66 23.03 -33.33 47.99
N PRO C 67 23.70 -34.45 47.78
CA PRO C 67 23.45 -35.24 46.56
C PRO C 67 22.01 -35.71 46.48
N ARG C 68 21.54 -35.90 45.25
CA ARG C 68 20.22 -36.44 44.96
C ARG C 68 20.36 -37.74 44.21
N TRP C 69 19.67 -38.78 44.68
CA TRP C 69 19.66 -40.07 44.03
C TRP C 69 18.33 -40.23 43.31
N TYR C 70 18.38 -40.37 42.00
CA TYR C 70 17.20 -40.51 41.17
C TYR C 70 17.06 -41.95 40.69
N PHE C 71 15.84 -42.46 40.71
CA PHE C 71 15.59 -43.83 40.30
C PHE C 71 15.23 -43.90 38.82
N TYR C 72 15.74 -44.92 38.15
CA TYR C 72 15.44 -45.19 36.75
C TYR C 72 15.21 -46.69 36.61
N TYR C 73 14.13 -47.05 35.93
CA TYR C 73 13.85 -48.46 35.65
C TYR C 73 14.95 -49.03 34.76
N LEU C 74 15.16 -50.35 34.89
CA LEU C 74 16.21 -51.02 34.12
C LEU C 74 15.98 -50.84 32.63
N GLY C 75 17.04 -50.46 31.92
CA GLY C 75 16.97 -50.22 30.50
C GLY C 75 16.55 -48.82 30.12
N THR C 76 16.36 -47.93 31.10
CA THR C 76 15.98 -46.54 30.87
C THR C 76 16.98 -45.62 31.56
N GLY C 77 16.95 -44.35 31.17
CA GLY C 77 17.71 -43.31 31.84
C GLY C 77 19.15 -43.20 31.36
N PRO C 78 19.94 -42.41 32.08
CA PRO C 78 21.35 -42.20 31.68
C PRO C 78 22.18 -43.46 31.60
N GLU C 79 21.77 -44.55 32.24
CA GLU C 79 22.52 -45.80 32.22
C GLU C 79 21.67 -46.93 31.66
N ALA C 80 20.83 -46.61 30.67
CA ALA C 80 20.00 -47.60 30.02
C ALA C 80 20.81 -48.72 29.40
N GLY C 81 22.09 -48.48 29.08
CA GLY C 81 22.93 -49.50 28.49
C GLY C 81 23.43 -50.54 29.46
N LEU C 82 23.44 -50.23 30.76
CA LEU C 82 24.05 -51.12 31.73
C LEU C 82 23.10 -52.27 32.05
N PRO C 83 23.63 -53.46 32.30
CA PRO C 83 22.80 -54.56 32.82
C PRO C 83 22.82 -54.55 34.35
N TYR C 84 21.79 -55.20 34.92
CA TYR C 84 21.67 -55.26 36.37
C TYR C 84 22.95 -55.78 37.01
N GLY C 85 23.44 -55.07 38.03
CA GLY C 85 24.60 -55.46 38.77
C GLY C 85 25.88 -54.74 38.39
N ALA C 86 25.95 -54.16 37.20
CA ALA C 86 27.11 -53.43 36.71
C ALA C 86 27.67 -52.49 37.77
N ASN C 87 28.99 -52.54 37.96
CA ASN C 87 29.66 -51.74 38.97
C ASN C 87 30.03 -50.38 38.38
N LYS C 88 29.47 -49.32 38.94
CA LYS C 88 29.79 -47.96 38.51
C LYS C 88 29.60 -47.01 39.68
N ASP C 89 30.52 -46.05 39.80
CA ASP C 89 30.38 -45.05 40.84
C ASP C 89 29.09 -44.25 40.61
N GLY C 90 28.35 -44.02 41.68
CA GLY C 90 27.08 -43.33 41.60
C GLY C 90 25.87 -44.18 41.29
N ILE C 91 26.05 -45.40 40.80
CA ILE C 91 24.94 -46.27 40.43
C ILE C 91 24.79 -47.37 41.48
N ILE C 92 23.57 -47.52 41.99
CA ILE C 92 23.24 -48.66 42.84
C ILE C 92 22.02 -49.33 42.22
N TRP C 93 21.91 -50.64 42.42
CA TRP C 93 20.87 -51.43 41.80
C TRP C 93 19.86 -51.92 42.83
N VAL C 94 18.59 -51.97 42.44
CA VAL C 94 17.52 -52.43 43.30
C VAL C 94 16.56 -53.27 42.46
N ALA C 95 15.92 -54.23 43.12
CA ALA C 95 14.95 -55.08 42.45
C ALA C 95 14.04 -55.71 43.49
N THR C 96 12.77 -55.87 43.13
CA THR C 96 11.81 -56.54 43.99
C THR C 96 11.72 -58.02 43.64
N GLU C 97 11.43 -58.84 44.65
CA GLU C 97 11.40 -60.30 44.52
C GLU C 97 10.51 -60.74 43.35
N GLY C 98 11.11 -61.35 42.34
CA GLY C 98 10.38 -61.76 41.15
C GLY C 98 10.25 -60.72 40.06
N ALA C 99 11.24 -59.85 39.91
CA ALA C 99 11.30 -58.90 38.81
C ALA C 99 12.04 -59.54 37.64
N LEU C 100 11.76 -59.06 36.44
CA LEU C 100 12.35 -59.63 35.23
C LEU C 100 13.52 -58.79 34.74
N ASN C 101 14.59 -59.48 34.34
CA ASN C 101 15.82 -58.85 33.86
C ASN C 101 15.70 -58.52 32.38
N THR C 102 14.86 -57.53 32.10
CA THR C 102 14.62 -57.08 30.75
C THR C 102 14.58 -55.56 30.74
N PRO C 103 14.96 -54.94 29.63
CA PRO C 103 14.81 -53.49 29.52
C PRO C 103 13.35 -53.09 29.59
N LYS C 104 13.08 -51.97 30.25
CA LYS C 104 11.72 -51.50 30.52
C LYS C 104 11.36 -50.33 29.59
N ASP C 105 11.45 -50.57 28.28
CA ASP C 105 11.17 -49.50 27.32
C ASP C 105 9.68 -49.14 27.27
N HIS C 106 8.80 -50.04 27.71
CA HIS C 106 7.39 -49.69 27.79
C HIS C 106 7.10 -48.71 28.92
N ILE C 107 8.09 -48.41 29.76
CA ILE C 107 7.97 -47.41 30.81
C ILE C 107 8.76 -46.16 30.45
N GLY C 108 10.02 -46.32 30.07
CA GLY C 108 10.85 -45.21 29.64
C GLY C 108 11.06 -44.21 30.75
N THR C 109 11.29 -42.97 30.33
CA THR C 109 11.49 -41.85 31.23
C THR C 109 10.31 -40.89 31.10
N ARG C 110 10.40 -39.75 31.79
CA ARG C 110 9.30 -38.81 31.90
C ARG C 110 9.59 -37.51 31.17
N ASN C 111 8.53 -36.92 30.60
CA ASN C 111 8.59 -35.60 30.04
C ASN C 111 8.02 -34.62 31.05
N PRO C 112 8.83 -33.75 31.66
CA PRO C 112 8.28 -32.81 32.64
C PRO C 112 7.21 -31.91 32.06
N ALA C 113 7.25 -31.68 30.74
CA ALA C 113 6.22 -30.86 30.10
C ALA C 113 4.84 -31.49 30.21
N ASN C 114 4.77 -32.82 30.08
CA ASN C 114 3.50 -33.53 30.11
C ASN C 114 3.19 -34.22 31.44
N ASN C 115 4.15 -34.36 32.34
CA ASN C 115 3.95 -35.21 33.51
C ASN C 115 4.72 -34.68 34.71
N ALA C 116 4.04 -34.56 35.83
CA ALA C 116 4.70 -34.22 37.08
C ALA C 116 5.39 -35.45 37.65
N ALA C 117 6.46 -35.21 38.41
CA ALA C 117 7.16 -36.32 39.04
C ALA C 117 6.32 -36.91 40.17
N ILE C 118 6.34 -38.24 40.26
CA ILE C 118 5.75 -38.93 41.41
C ILE C 118 6.63 -38.69 42.63
N VAL C 119 6.01 -38.30 43.75
CA VAL C 119 6.76 -38.23 45.00
C VAL C 119 7.26 -39.63 45.35
N LEU C 120 8.57 -39.77 45.54
CA LEU C 120 9.14 -41.08 45.79
C LEU C 120 8.74 -41.58 47.17
N GLN C 121 7.97 -42.66 47.20
CA GLN C 121 7.58 -43.32 48.43
C GLN C 121 7.97 -44.79 48.38
N LEU C 122 8.22 -45.35 49.54
CA LEU C 122 8.63 -46.73 49.70
C LEU C 122 7.64 -47.46 50.61
N PRO C 123 7.49 -48.78 50.45
CA PRO C 123 6.58 -49.51 51.33
C PRO C 123 7.02 -49.38 52.78
N GLN C 124 6.05 -49.22 53.68
CA GLN C 124 6.40 -49.08 55.10
C GLN C 124 7.13 -50.32 55.58
N GLY C 125 8.29 -50.12 56.18
CA GLY C 125 9.18 -51.19 56.58
C GLY C 125 10.54 -51.12 55.89
N THR C 126 10.56 -50.61 54.65
CA THR C 126 11.81 -50.44 53.90
C THR C 126 12.88 -49.79 54.76
N THR C 127 14.07 -50.39 54.74
CA THR C 127 15.19 -49.90 55.54
C THR C 127 16.02 -48.91 54.72
N LEU C 128 16.21 -47.72 55.28
CA LEU C 128 16.97 -46.62 54.73
C LEU C 128 18.25 -46.37 55.53
N PRO C 129 19.32 -45.88 54.87
CA PRO C 129 20.47 -45.36 55.62
C PRO C 129 20.08 -44.11 56.39
N LYS C 130 21.00 -43.52 57.17
CA LYS C 130 20.63 -42.40 58.02
C LYS C 130 20.19 -41.19 57.22
N GLY C 131 21.00 -40.78 56.26
CA GLY C 131 20.79 -39.51 55.58
C GLY C 131 19.57 -39.49 54.69
N PHE C 132 18.78 -40.55 54.72
CA PHE C 132 17.64 -40.69 53.83
C PHE C 132 16.37 -40.84 54.64
N TYR C 133 15.27 -40.33 54.10
CA TYR C 133 13.98 -40.29 54.77
C TYR C 133 12.87 -40.57 53.79
N ALA C 134 11.86 -41.31 54.25
CA ALA C 134 10.74 -41.69 53.39
C ALA C 134 9.75 -40.53 53.21
N THR D 10 5.84 13.29 -9.58
CA THR D 10 5.55 14.34 -10.55
C THR D 10 5.30 15.68 -9.85
N ALA D 11 6.16 16.67 -10.13
CA ALA D 11 6.01 18.01 -9.59
C ALA D 11 6.48 19.02 -10.62
N SER D 12 6.39 20.30 -10.25
CA SER D 12 6.82 21.37 -11.16
C SER D 12 8.33 21.42 -11.22
N TRP D 13 8.84 21.76 -12.40
CA TRP D 13 10.28 21.90 -12.57
C TRP D 13 10.84 23.12 -11.85
N PHE D 14 9.99 24.01 -11.34
CA PHE D 14 10.42 25.32 -10.89
C PHE D 14 9.97 25.54 -9.45
N THR D 15 10.38 26.68 -8.87
CA THR D 15 10.25 26.90 -7.44
C THR D 15 8.93 27.52 -6.99
N ALA D 16 8.15 28.09 -7.91
CA ALA D 16 6.90 28.80 -7.67
C ALA D 16 7.10 30.25 -7.23
N LEU D 17 6.18 31.10 -7.69
CA LEU D 17 6.09 32.51 -7.31
C LEU D 17 5.10 32.68 -6.16
N THR D 18 5.54 33.32 -5.09
CA THR D 18 4.71 33.49 -3.91
C THR D 18 3.88 34.75 -4.00
N GLN D 19 2.59 34.63 -3.72
CA GLN D 19 1.65 35.75 -3.76
C GLN D 19 1.53 36.34 -2.35
N HIS D 20 2.35 37.35 -2.07
CA HIS D 20 2.28 38.06 -0.80
C HIS D 20 1.14 39.07 -0.78
N GLY D 21 0.74 39.57 -1.95
CA GLY D 21 -0.33 40.55 -2.03
C GLY D 21 -1.67 39.88 -2.25
N LYS D 22 -2.63 40.70 -2.67
CA LYS D 22 -3.98 40.25 -2.98
C LYS D 22 -4.21 40.05 -4.47
N GLU D 23 -3.43 40.72 -5.33
CA GLU D 23 -3.58 40.56 -6.76
C GLU D 23 -3.09 39.19 -7.20
N ASP D 24 -3.85 38.56 -8.09
CA ASP D 24 -3.45 37.30 -8.70
C ASP D 24 -2.25 37.49 -9.63
N LEU D 25 -1.75 36.35 -10.12
CA LEU D 25 -0.62 36.37 -11.02
C LEU D 25 -1.07 36.75 -12.43
N LYS D 26 -0.27 37.58 -13.07
CA LYS D 26 -0.66 38.17 -14.34
C LYS D 26 0.62 38.52 -15.10
N PHE D 27 0.60 38.30 -16.42
CA PHE D 27 1.73 38.66 -17.27
C PHE D 27 1.28 39.27 -18.60
N PRO D 28 2.00 40.27 -19.08
CA PRO D 28 1.80 40.74 -20.45
C PRO D 28 2.14 39.66 -21.46
N ARG D 29 1.68 39.88 -22.68
CA ARG D 29 1.83 38.87 -23.72
C ARG D 29 3.29 38.68 -24.09
N GLY D 30 3.77 37.45 -24.03
CA GLY D 30 5.15 37.13 -24.33
C GLY D 30 6.08 37.11 -23.14
N GLN D 31 5.54 37.18 -21.93
CA GLN D 31 6.32 37.19 -20.70
C GLN D 31 5.85 36.07 -19.80
N GLY D 32 6.71 35.65 -18.88
CA GLY D 32 6.31 34.77 -17.80
C GLY D 32 6.75 33.34 -17.91
N VAL D 33 7.31 32.92 -19.04
CA VAL D 33 7.81 31.55 -19.13
C VAL D 33 9.13 31.53 -18.36
N PRO D 34 9.28 30.67 -17.34
CA PRO D 34 10.52 30.64 -16.58
C PRO D 34 11.69 30.22 -17.44
N ILE D 35 12.87 30.78 -17.12
CA ILE D 35 14.08 30.49 -17.87
C ILE D 35 14.48 29.04 -17.66
N ASN D 36 14.77 28.34 -18.76
CA ASN D 36 15.21 26.94 -18.69
C ASN D 36 16.11 26.69 -19.90
N THR D 37 17.43 26.64 -19.65
CA THR D 37 18.40 26.50 -20.72
C THR D 37 18.32 25.15 -21.44
N ASN D 38 17.58 24.19 -20.88
CA ASN D 38 17.37 22.89 -21.52
C ASN D 38 16.24 22.89 -22.53
N SER D 39 15.41 23.92 -22.59
CA SER D 39 14.30 23.92 -23.53
C SER D 39 14.67 24.68 -24.79
N SER D 40 13.87 24.45 -25.81
CA SER D 40 13.99 25.11 -27.09
C SER D 40 12.91 26.17 -27.21
N PRO D 41 13.05 27.10 -28.16
CA PRO D 41 12.01 28.13 -28.31
C PRO D 41 10.63 27.56 -28.54
N ASP D 42 10.52 26.36 -29.12
CA ASP D 42 9.22 25.74 -29.36
C ASP D 42 8.52 25.35 -28.06
N ASP D 43 9.28 25.03 -27.00
CA ASP D 43 8.68 24.50 -25.79
C ASP D 43 8.20 25.59 -24.84
N GLN D 44 8.56 26.85 -25.11
CA GLN D 44 8.43 27.93 -24.13
C GLN D 44 6.98 28.41 -24.07
N ILE D 45 6.12 27.55 -23.51
CA ILE D 45 4.69 27.81 -23.42
C ILE D 45 4.07 26.93 -22.34
N GLY D 46 3.16 27.52 -21.55
CA GLY D 46 2.50 26.78 -20.50
C GLY D 46 1.58 27.58 -19.61
N TYR D 47 1.46 27.17 -18.35
CA TYR D 47 0.54 27.81 -17.43
C TYR D 47 1.10 27.81 -16.02
N TYR D 48 0.70 28.80 -15.23
CA TYR D 48 0.87 28.77 -13.79
C TYR D 48 -0.43 28.34 -13.14
N ARG D 49 -0.33 27.47 -12.14
CA ARG D 49 -1.47 27.05 -11.34
C ARG D 49 -1.19 27.41 -9.90
N ARG D 50 -2.17 27.99 -9.21
CA ARG D 50 -1.98 28.42 -7.84
C ARG D 50 -2.34 27.30 -6.88
N ALA D 51 -1.61 27.27 -5.76
CA ALA D 51 -1.84 26.30 -4.70
C ALA D 51 -1.68 27.04 -3.39
N THR D 52 -2.67 26.89 -2.50
CA THR D 52 -2.66 27.51 -1.19
C THR D 52 -2.65 26.42 -0.12
N ARG D 53 -2.23 26.82 1.08
CA ARG D 53 -2.00 25.95 2.22
C ARG D 53 -2.47 26.63 3.49
N ARG D 54 -3.01 25.82 4.41
CA ARG D 54 -3.40 26.28 5.73
C ARG D 54 -2.73 25.39 6.76
N ILE D 55 -2.06 25.99 7.74
CA ILE D 55 -1.37 25.20 8.74
C ILE D 55 -2.27 25.14 9.96
N LYS D 61 -2.89 28.17 16.77
CA LYS D 61 -3.90 28.71 15.89
C LYS D 61 -3.52 28.50 14.42
N MET D 62 -4.33 27.74 13.71
CA MET D 62 -4.08 27.43 12.31
C MET D 62 -4.32 28.68 11.45
N LYS D 63 -3.58 28.78 10.34
CA LYS D 63 -3.54 30.01 9.55
C LYS D 63 -3.23 29.69 8.09
N ASP D 64 -3.82 30.48 7.19
CA ASP D 64 -3.57 30.35 5.76
C ASP D 64 -2.25 31.00 5.37
N LEU D 65 -1.61 30.43 4.37
CA LEU D 65 -0.32 30.93 3.88
C LEU D 65 -0.49 31.58 2.51
N SER D 66 0.43 32.48 2.20
CA SER D 66 0.43 33.13 0.89
C SER D 66 0.40 32.07 -0.21
N PRO D 67 -0.50 32.20 -1.19
CA PRO D 67 -0.54 31.20 -2.27
C PRO D 67 0.77 31.17 -3.05
N ARG D 68 1.07 30.01 -3.62
CA ARG D 68 2.24 29.81 -4.45
C ARG D 68 1.78 29.42 -5.85
N TRP D 69 2.32 30.09 -6.87
CA TRP D 69 1.98 29.79 -8.25
C TRP D 69 3.10 28.96 -8.87
N TYR D 70 2.77 27.75 -9.31
CA TYR D 70 3.73 26.82 -9.89
C TYR D 70 3.55 26.75 -11.40
N PHE D 71 4.65 26.75 -12.13
CA PHE D 71 4.61 26.71 -13.58
C PHE D 71 4.67 25.28 -14.09
N TYR D 72 3.91 25.02 -15.16
CA TYR D 72 3.90 23.72 -15.83
C TYR D 72 3.88 23.97 -17.33
N TYR D 73 4.75 23.29 -18.06
CA TYR D 73 4.73 23.39 -19.51
C TYR D 73 3.40 22.84 -20.06
N LEU D 74 3.02 23.35 -21.23
CA LEU D 74 1.76 22.96 -21.85
C LEU D 74 1.71 21.46 -22.09
N GLY D 75 0.61 20.83 -21.67
CA GLY D 75 0.46 19.41 -21.84
C GLY D 75 1.05 18.57 -20.72
N THR D 76 1.54 19.21 -19.65
CA THR D 76 2.09 18.50 -18.51
C THR D 76 1.40 19.00 -17.25
N GLY D 77 1.54 18.23 -16.17
CA GLY D 77 1.08 18.66 -14.87
C GLY D 77 -0.39 18.35 -14.60
N PRO D 78 -0.92 18.93 -13.52
CA PRO D 78 -2.32 18.68 -13.14
C PRO D 78 -3.33 19.04 -14.22
N GLU D 79 -2.99 19.91 -15.16
CA GLU D 79 -3.92 20.34 -16.21
C GLU D 79 -3.33 20.04 -17.58
N ALA D 80 -2.66 18.89 -17.68
CA ALA D 80 -2.12 18.43 -18.96
C ALA D 80 -3.20 18.28 -20.02
N GLY D 81 -4.46 18.11 -19.61
CA GLY D 81 -5.55 17.96 -20.57
C GLY D 81 -6.00 19.25 -21.23
N LEU D 82 -5.74 20.39 -20.60
CA LEU D 82 -6.28 21.64 -21.12
C LEU D 82 -5.43 22.15 -22.28
N PRO D 83 -6.07 22.80 -23.26
CA PRO D 83 -5.33 23.53 -24.29
C PRO D 83 -5.04 24.97 -23.86
N TYR D 84 -4.05 25.57 -24.52
CA TYR D 84 -3.68 26.95 -24.21
C TYR D 84 -4.89 27.86 -24.26
N GLY D 85 -5.05 28.68 -23.22
CA GLY D 85 -6.09 29.68 -23.20
C GLY D 85 -7.32 29.30 -22.40
N ALA D 86 -7.56 28.00 -22.21
CA ALA D 86 -8.71 27.52 -21.47
C ALA D 86 -8.91 28.31 -20.18
N ASN D 87 -10.14 28.72 -19.95
CA ASN D 87 -10.47 29.55 -18.80
C ASN D 87 -10.68 28.67 -17.59
N LYS D 88 -9.84 28.84 -16.56
CA LYS D 88 -10.03 28.12 -15.32
C LYS D 88 -9.42 28.94 -14.19
N ASP D 89 -10.16 29.03 -13.07
CA ASP D 89 -9.65 29.73 -11.91
C ASP D 89 -8.42 29.03 -11.34
N GLY D 90 -7.42 29.82 -10.96
CA GLY D 90 -6.15 29.31 -10.54
C GLY D 90 -5.18 29.06 -11.68
N ILE D 91 -5.68 29.03 -12.92
CA ILE D 91 -4.87 28.77 -14.10
C ILE D 91 -4.66 30.09 -14.84
N ILE D 92 -3.40 30.43 -15.09
CA ILE D 92 -3.09 31.54 -16.00
C ILE D 92 -2.11 31.01 -17.04
N TRP D 93 -2.18 31.56 -18.25
CA TRP D 93 -1.42 31.04 -19.37
C TRP D 93 -0.34 32.03 -19.80
N VAL D 94 0.82 31.50 -20.21
CA VAL D 94 1.95 32.30 -20.65
C VAL D 94 2.65 31.62 -21.82
N ALA D 95 3.21 32.43 -22.72
CA ALA D 95 3.98 31.91 -23.83
C ALA D 95 4.87 33.04 -24.36
N THR D 96 6.10 32.68 -24.72
CA THR D 96 7.12 33.53 -25.30
C THR D 96 7.07 33.41 -26.82
N GLU D 97 7.81 34.28 -27.50
CA GLU D 97 7.81 34.36 -28.96
C GLU D 97 7.77 33.01 -29.65
N GLY D 98 8.93 32.32 -29.86
CA GLY D 98 8.85 31.27 -30.89
C GLY D 98 8.18 29.95 -30.51
N ALA D 99 7.28 29.91 -29.53
CA ALA D 99 6.71 28.63 -29.08
C ALA D 99 5.53 28.08 -29.93
N LEU D 100 5.43 26.74 -29.96
CA LEU D 100 4.41 26.03 -30.74
C LEU D 100 3.34 25.45 -29.82
N ASN D 101 2.08 25.46 -30.25
CA ASN D 101 0.97 25.02 -29.38
C ASN D 101 0.78 23.49 -29.46
N THR D 102 1.71 22.77 -28.83
CA THR D 102 1.72 21.31 -28.82
C THR D 102 1.99 20.79 -27.41
N PRO D 103 1.50 19.59 -27.07
CA PRO D 103 1.86 19.00 -25.77
C PRO D 103 3.36 18.77 -25.67
N LYS D 104 3.91 19.06 -24.50
CA LYS D 104 5.35 18.98 -24.27
C LYS D 104 5.69 17.71 -23.49
N ASP D 105 5.31 16.57 -24.08
CA ASP D 105 5.55 15.30 -23.42
C ASP D 105 7.02 14.94 -23.35
N HIS D 106 7.87 15.51 -24.21
CA HIS D 106 9.31 15.28 -24.09
C HIS D 106 9.93 16.01 -22.90
N ILE D 107 9.19 16.88 -22.21
CA ILE D 107 9.66 17.51 -20.99
C ILE D 107 8.95 16.94 -19.75
N GLY D 108 7.62 16.92 -19.77
CA GLY D 108 6.90 16.36 -18.65
C GLY D 108 7.12 17.17 -17.38
N THR D 109 7.03 16.47 -16.25
CA THR D 109 7.23 17.06 -14.94
C THR D 109 8.48 16.47 -14.28
N ARG D 110 8.68 16.86 -13.02
CA ARG D 110 9.87 16.54 -12.25
C ARG D 110 9.52 15.60 -11.10
N ASN D 111 10.43 14.67 -10.80
CA ASN D 111 10.31 13.86 -9.61
C ASN D 111 11.26 14.42 -8.57
N PRO D 112 10.77 14.97 -7.47
CA PRO D 112 11.67 15.56 -6.46
C PRO D 112 12.69 14.59 -5.88
N ALA D 113 12.44 13.28 -5.91
CA ALA D 113 13.39 12.33 -5.36
C ALA D 113 14.73 12.35 -6.09
N ASN D 114 14.71 12.45 -7.42
CA ASN D 114 15.92 12.41 -8.24
C ASN D 114 16.34 13.78 -8.76
N ASN D 115 15.53 14.82 -8.57
CA ASN D 115 15.78 16.08 -9.25
C ASN D 115 15.39 17.25 -8.37
N ALA D 116 16.33 18.18 -8.18
CA ALA D 116 16.04 19.44 -7.50
C ALA D 116 15.34 20.41 -8.45
N ALA D 117 14.52 21.28 -7.88
CA ALA D 117 13.79 22.27 -8.68
C ALA D 117 14.73 23.35 -9.20
N ILE D 118 14.48 23.80 -10.43
CA ILE D 118 15.15 24.98 -10.94
C ILE D 118 14.60 26.20 -10.22
N VAL D 119 15.50 27.04 -9.69
CA VAL D 119 15.06 28.33 -9.16
C VAL D 119 14.45 29.14 -10.29
N LEU D 120 13.21 29.59 -10.06
CA LEU D 120 12.47 30.31 -11.09
C LEU D 120 13.10 31.69 -11.29
N GLN D 121 13.59 31.93 -12.49
CA GLN D 121 14.12 33.22 -12.86
C GLN D 121 13.37 33.74 -14.07
N LEU D 122 13.29 35.05 -14.19
CA LEU D 122 12.65 35.66 -15.34
C LEU D 122 13.65 36.58 -16.02
N PRO D 123 13.53 36.77 -17.33
CA PRO D 123 14.45 37.69 -18.03
C PRO D 123 14.32 39.11 -17.50
N GLN D 124 15.44 39.84 -17.45
CA GLN D 124 15.38 41.23 -17.01
C GLN D 124 14.44 42.00 -17.91
N GLY D 125 13.48 42.71 -17.29
CA GLY D 125 12.43 43.41 -18.01
C GLY D 125 11.05 42.90 -17.68
N THR D 126 10.92 41.60 -17.40
CA THR D 126 9.66 41.00 -17.02
C THR D 126 8.90 41.83 -16.00
N THR D 127 7.63 42.08 -16.29
CA THR D 127 6.78 42.86 -15.42
C THR D 127 6.03 41.92 -14.47
N LEU D 128 6.10 42.21 -13.21
CA LEU D 128 5.41 41.44 -12.20
C LEU D 128 4.27 42.25 -11.59
N PRO D 129 3.23 41.59 -11.09
CA PRO D 129 2.27 42.31 -10.24
C PRO D 129 2.91 42.79 -8.95
N LYS D 130 2.15 43.49 -8.11
CA LYS D 130 2.72 44.16 -6.95
C LYS D 130 3.33 43.15 -5.96
N GLY D 131 2.56 42.15 -5.56
CA GLY D 131 2.89 41.16 -4.55
C GLY D 131 3.89 40.09 -4.95
N PHE D 132 4.49 40.16 -6.14
CA PHE D 132 5.37 39.13 -6.66
C PHE D 132 6.75 39.70 -6.92
N TYR D 133 7.78 38.86 -6.74
CA TYR D 133 9.15 39.31 -6.84
C TYR D 133 9.97 38.28 -7.60
N ALA D 134 10.90 38.76 -8.43
CA ALA D 134 11.74 37.89 -9.24
C ALA D 134 12.86 37.28 -8.41
#